data_5YS3
#
_entry.id   5YS3
#
_cell.length_a   79.456
_cell.length_b   79.456
_cell.length_c   89.099
_cell.angle_alpha   90.00
_cell.angle_beta   90.00
_cell.angle_gamma   90.00
#
_symmetry.space_group_name_H-M   'P 42'
#
loop_
_entity.id
_entity.type
_entity.pdbx_description
1 polymer 'Succinate-Acetate Permease'
2 non-polymer 'ACETATE ION'
3 non-polymer 'PALMITIC ACID'
4 non-polymer (2S)-2,3-DIHYDROXYPROPYL(7Z)-PENTADEC-7-ENOATE
5 water water
#
_entity_poly.entity_id   1
_entity_poly.type   'polypeptide(L)'
_entity_poly.pdbx_seq_one_letter_code
;MGNTKLANPAPLGLMGFGMTTILLNLHNAGFFALDGIILAMGIFYGGIAQIFAGLLEYKKGNTFGLTAFTSYGSFWLTLV
AILLMPKMGLTEAPNAQFLGAYLGLWGVFTLFMFFGTLKAARALQFVFLSLTVLFALLAFGNIAGNEAVIHVAGWIGLVC
GASAIYLAMGEVLNEQFGRTILPIGEAHLVPR
;
_entity_poly.pdbx_strand_id   A,B,C
#
# COMPACT_ATOMS: atom_id res chain seq x y z
N LYS A 5 14.62 17.33 9.74
CA LYS A 5 13.30 17.37 10.36
C LYS A 5 12.47 16.17 9.91
N LEU A 6 12.15 15.29 10.84
CA LEU A 6 11.48 14.04 10.49
C LEU A 6 9.98 14.20 10.51
N ALA A 7 9.31 13.44 9.66
CA ALA A 7 7.87 13.47 9.61
C ALA A 7 7.28 13.03 10.93
N ASN A 8 6.03 13.43 11.15
CA ASN A 8 5.29 13.03 12.34
C ASN A 8 4.56 11.71 12.09
N PRO A 9 4.93 10.63 12.83
CA PRO A 9 4.29 9.35 12.52
C PRO A 9 2.99 9.13 13.29
N ALA A 10 2.64 10.03 14.20
CA ALA A 10 1.48 9.79 15.06
C ALA A 10 0.15 9.64 14.31
N PRO A 11 -0.11 10.47 13.28
CA PRO A 11 -1.37 10.31 12.56
C PRO A 11 -1.52 8.91 11.97
N LEU A 12 -0.44 8.37 11.43
CA LEU A 12 -0.47 7.01 10.92
C LEU A 12 -0.89 6.03 11.99
N GLY A 13 -0.20 6.04 13.13
CA GLY A 13 -0.53 5.17 14.24
C GLY A 13 -1.95 5.34 14.74
N LEU A 14 -2.37 6.58 14.90
CA LEU A 14 -3.72 6.89 15.38
C LEU A 14 -4.79 6.44 14.39
N MET A 15 -4.52 6.61 13.10
CA MET A 15 -5.46 6.17 12.07
C MET A 15 -5.64 4.66 12.08
N GLY A 16 -4.52 3.94 12.18
CA GLY A 16 -4.56 2.49 12.17
C GLY A 16 -5.33 2.03 13.39
N PHE A 17 -4.98 2.60 14.54
CA PHE A 17 -5.70 2.29 15.78
C PHE A 17 -7.19 2.64 15.64
N GLY A 18 -7.48 3.84 15.18
CA GLY A 18 -8.85 4.36 15.19
C GLY A 18 -9.81 3.60 14.28
N MET A 19 -9.42 3.42 13.02
CA MET A 19 -10.23 2.66 12.08
C MET A 19 -10.53 1.25 12.53
N THR A 20 -9.49 0.58 13.02
CA THR A 20 -9.60 -0.81 13.40
C THR A 20 -10.46 -0.91 14.66
N THR A 21 -10.27 0.03 15.58
CA THR A 21 -11.08 0.08 16.78
C THR A 21 -12.58 0.21 16.44
N ILE A 22 -12.89 1.09 15.51
CA ILE A 22 -14.29 1.29 15.09
C ILE A 22 -14.86 0.00 14.52
N LEU A 23 -14.17 -0.63 13.59
CA LEU A 23 -14.69 -1.85 12.99
C LEU A 23 -14.89 -2.96 14.02
N LEU A 24 -13.94 -3.10 14.94
CA LEU A 24 -14.10 -4.17 15.94
C LEU A 24 -15.37 -3.89 16.75
N ASN A 25 -15.59 -2.64 17.08
CA ASN A 25 -16.62 -2.34 18.05
C ASN A 25 -17.99 -2.20 17.41
N LEU A 26 -18.02 -2.17 16.07
CA LEU A 26 -19.27 -2.33 15.35
C LEU A 26 -19.78 -3.74 15.61
N HIS A 27 -18.86 -4.69 15.70
CA HIS A 27 -19.19 -6.05 16.10
C HIS A 27 -19.62 -6.10 17.57
N ASN A 28 -18.79 -5.55 18.45
CA ASN A 28 -19.08 -5.53 19.88
C ASN A 28 -20.43 -4.87 20.20
N ALA A 29 -20.79 -3.81 19.46
CA ALA A 29 -22.06 -3.14 19.71
C ALA A 29 -23.24 -3.92 19.13
N GLY A 30 -22.96 -5.03 18.45
CA GLY A 30 -24.01 -5.92 17.97
C GLY A 30 -24.51 -5.68 16.55
N PHE A 31 -23.84 -4.84 15.77
CA PHE A 31 -24.27 -4.63 14.38
C PHE A 31 -23.85 -5.75 13.43
N PHE A 32 -22.70 -6.39 13.67
CA PHE A 32 -22.18 -7.43 12.77
C PHE A 32 -21.46 -8.55 13.50
N ALA A 33 -21.35 -9.69 12.82
CA ALA A 33 -20.54 -10.80 13.31
C ALA A 33 -19.06 -10.47 13.17
N LEU A 34 -18.19 -11.23 13.84
CA LEU A 34 -16.75 -10.95 13.78
C LEU A 34 -16.20 -11.45 12.44
N ASP A 35 -15.87 -10.50 11.59
CA ASP A 35 -15.70 -10.74 10.16
C ASP A 35 -14.21 -10.72 9.76
N GLY A 36 -13.89 -11.28 8.61
CA GLY A 36 -12.57 -11.08 8.02
C GLY A 36 -12.18 -9.62 7.92
N ILE A 37 -13.17 -8.75 7.81
CA ILE A 37 -12.88 -7.32 7.70
C ILE A 37 -12.09 -6.83 8.91
N ILE A 38 -12.53 -7.23 10.11
CA ILE A 38 -11.85 -6.85 11.33
C ILE A 38 -10.47 -7.46 11.42
N LEU A 39 -10.37 -8.74 11.06
CA LEU A 39 -9.09 -9.43 11.18
C LEU A 39 -8.05 -8.84 10.22
N ALA A 40 -8.46 -8.58 8.98
CA ALA A 40 -7.57 -8.01 7.98
C ALA A 40 -7.02 -6.68 8.47
N MET A 41 -7.93 -5.83 8.94
CA MET A 41 -7.53 -4.51 9.42
C MET A 41 -6.64 -4.66 10.66
N GLY A 42 -6.95 -5.60 11.54
CA GLY A 42 -6.11 -5.83 12.70
C GLY A 42 -4.69 -6.23 12.33
N ILE A 43 -4.54 -7.02 11.27
CA ILE A 43 -3.22 -7.44 10.83
C ILE A 43 -2.39 -6.27 10.28
N PHE A 44 -2.94 -5.52 9.34
CA PHE A 44 -2.11 -4.64 8.52
C PHE A 44 -2.11 -3.17 8.95
N TYR A 45 -3.24 -2.69 9.45
CA TYR A 45 -3.40 -1.27 9.71
C TYR A 45 -3.37 -0.99 11.22
N GLY A 46 -4.30 -1.57 11.98
CA GLY A 46 -4.20 -1.48 13.43
C GLY A 46 -2.92 -2.16 13.89
N GLY A 47 -2.51 -3.18 13.14
CA GLY A 47 -1.33 -3.94 13.51
C GLY A 47 -0.03 -3.38 12.97
N ILE A 48 0.37 -3.86 11.80
CA ILE A 48 1.69 -3.54 11.25
C ILE A 48 1.94 -2.04 11.03
N ALA A 49 0.99 -1.33 10.44
CA ALA A 49 1.20 0.10 10.21
C ALA A 49 1.37 0.85 11.53
N GLN A 50 0.67 0.41 12.57
CA GLN A 50 0.83 1.05 13.87
C GLN A 50 2.21 0.72 14.46
N ILE A 51 2.71 -0.49 14.20
CA ILE A 51 4.06 -0.82 14.64
CA ILE A 51 4.08 -0.85 14.59
C ILE A 51 5.09 0.08 13.93
N PHE A 52 4.93 0.29 12.63
CA PHE A 52 5.82 1.21 11.91
C PHE A 52 5.78 2.59 12.57
N ALA A 53 4.57 3.07 12.90
CA ALA A 53 4.42 4.39 13.54
C ALA A 53 5.20 4.47 14.84
N GLY A 54 5.09 3.42 15.65
CA GLY A 54 5.84 3.37 16.89
C GLY A 54 7.35 3.38 16.68
N LEU A 55 7.84 2.57 15.75
CA LEU A 55 9.28 2.54 15.54
C LEU A 55 9.79 3.90 15.06
N LEU A 56 8.96 4.60 14.30
CA LEU A 56 9.35 5.90 13.76
C LEU A 56 9.42 6.97 14.87
N GLU A 57 8.85 6.65 16.04
CA GLU A 57 8.95 7.59 17.16
C GLU A 57 10.32 7.60 17.83
N TYR A 58 11.12 6.58 17.55
CA TYR A 58 12.41 6.42 18.22
C TYR A 58 13.38 7.56 17.92
N LYS A 59 13.52 7.87 16.64
CA LYS A 59 14.43 8.92 16.24
C LYS A 59 13.86 10.30 16.55
N LYS A 60 12.56 10.37 16.84
CA LYS A 60 11.97 11.64 17.26
C LYS A 60 12.13 11.85 18.76
N GLY A 61 12.72 10.87 19.44
CA GLY A 61 12.94 11.00 20.86
C GLY A 61 11.69 10.84 21.70
N ASN A 62 10.65 10.22 21.13
CA ASN A 62 9.35 10.22 21.82
C ASN A 62 9.09 8.84 22.44
N THR A 63 9.51 8.70 23.69
CA THR A 63 9.37 7.43 24.41
C THR A 63 7.90 7.04 24.51
N PHE A 64 7.04 8.01 24.78
CA PHE A 64 5.64 7.68 24.97
C PHE A 64 5.04 7.08 23.70
N GLY A 65 5.26 7.72 22.56
CA GLY A 65 4.72 7.23 21.29
C GLY A 65 5.36 5.91 20.87
N LEU A 66 6.66 5.76 21.09
CA LEU A 66 7.32 4.47 20.78
C LEU A 66 6.67 3.33 21.55
N THR A 67 6.46 3.58 22.85
CA THR A 67 5.86 2.58 23.74
C THR A 67 4.41 2.30 23.35
N ALA A 68 3.64 3.35 23.10
CA ALA A 68 2.20 3.21 22.85
C ALA A 68 1.92 2.56 21.51
N PHE A 69 2.42 3.15 20.42
CA PHE A 69 2.06 2.63 19.10
C PHE A 69 2.56 1.21 18.88
N THR A 70 3.80 0.94 19.30
CA THR A 70 4.33 -0.39 19.03
C THR A 70 3.60 -1.41 19.89
N SER A 71 3.19 -1.01 21.08
CA SER A 71 2.43 -1.93 21.94
C SER A 71 1.03 -2.21 21.39
N TYR A 72 0.31 -1.16 21.03
CA TYR A 72 -1.05 -1.40 20.56
C TYR A 72 -1.07 -2.00 19.16
N GLY A 73 0.00 -1.80 18.40
CA GLY A 73 0.11 -2.52 17.14
C GLY A 73 0.25 -4.02 17.40
N SER A 74 1.03 -4.34 18.42
CA SER A 74 1.20 -5.72 18.82
C SER A 74 -0.12 -6.29 19.37
N PHE A 75 -0.86 -5.49 20.14
CA PHE A 75 -2.18 -5.93 20.60
C PHE A 75 -3.03 -6.43 19.42
N TRP A 76 -3.14 -5.63 18.37
CA TRP A 76 -3.99 -6.02 17.25
C TRP A 76 -3.50 -7.31 16.61
N LEU A 77 -2.19 -7.46 16.45
CA LEU A 77 -1.66 -8.70 15.91
C LEU A 77 -1.95 -9.90 16.84
N THR A 78 -1.83 -9.72 18.16
CA THR A 78 -2.10 -10.85 19.04
C THR A 78 -3.58 -11.20 18.97
N LEU A 79 -4.43 -10.20 18.84
CA LEU A 79 -5.87 -10.46 18.81
C LEU A 79 -6.23 -11.26 17.56
N VAL A 80 -5.69 -10.88 16.40
CA VAL A 80 -5.99 -11.61 15.18
C VAL A 80 -5.43 -13.03 15.26
N ALA A 81 -4.24 -13.20 15.86
CA ALA A 81 -3.66 -14.53 15.97
C ALA A 81 -4.48 -15.44 16.91
N ILE A 82 -4.94 -14.88 18.03
CA ILE A 82 -5.82 -15.63 18.93
C ILE A 82 -7.04 -16.18 18.18
N LEU A 83 -7.59 -15.37 17.29
CA LEU A 83 -8.81 -15.74 16.57
C LEU A 83 -8.54 -16.65 15.37
N LEU A 84 -7.38 -16.53 14.73
CA LEU A 84 -7.12 -17.33 13.51
C LEU A 84 -6.37 -18.63 13.78
N MET A 85 -5.52 -18.66 14.79
CA MET A 85 -4.79 -19.89 15.08
C MET A 85 -5.71 -21.11 15.28
N PRO A 86 -6.93 -20.92 15.83
CA PRO A 86 -7.75 -22.15 15.87
C PRO A 86 -8.18 -22.62 14.47
N LYS A 87 -8.41 -21.69 13.55
CA LYS A 87 -8.77 -22.04 12.15
C LYS A 87 -7.63 -22.78 11.45
N MET A 88 -6.41 -22.57 11.94
CA MET A 88 -5.21 -23.17 11.36
C MET A 88 -4.89 -24.50 12.04
N GLY A 89 -5.70 -24.90 13.01
CA GLY A 89 -5.45 -26.13 13.74
C GLY A 89 -4.26 -26.04 14.67
N LEU A 90 -3.87 -24.82 15.03
CA LEU A 90 -2.67 -24.64 15.85
C LEU A 90 -3.02 -24.61 17.33
N THR A 91 -4.21 -24.12 17.64
CA THR A 91 -4.64 -23.90 19.01
C THR A 91 -6.12 -24.21 19.10
N GLU A 92 -6.65 -24.26 20.33
CA GLU A 92 -8.09 -24.33 20.53
C GLU A 92 -8.64 -22.93 20.71
N ALA A 93 -9.95 -22.78 20.53
CA ALA A 93 -10.58 -21.48 20.70
C ALA A 93 -10.31 -20.95 22.11
N PRO A 94 -10.19 -19.60 22.24
CA PRO A 94 -9.77 -18.97 23.50
C PRO A 94 -10.77 -19.09 24.63
N ASN A 95 -10.26 -19.27 25.85
CA ASN A 95 -11.07 -19.17 27.05
C ASN A 95 -11.50 -17.71 27.27
N ALA A 96 -12.78 -17.50 27.51
CA ALA A 96 -13.35 -16.15 27.62
C ALA A 96 -12.84 -15.40 28.85
N GLN A 97 -12.68 -16.12 29.97
CA GLN A 97 -12.15 -15.50 31.17
C GLN A 97 -10.68 -15.09 30.97
N PHE A 98 -9.93 -15.96 30.30
CA PHE A 98 -8.50 -15.73 30.01
C PHE A 98 -8.38 -14.55 29.02
N LEU A 99 -9.29 -14.49 28.06
CA LEU A 99 -9.37 -13.32 27.18
C LEU A 99 -9.65 -12.04 27.97
N GLY A 100 -10.56 -12.13 28.93
CA GLY A 100 -10.83 -11.02 29.81
C GLY A 100 -9.62 -10.57 30.62
N ALA A 101 -8.83 -11.52 31.10
CA ALA A 101 -7.60 -11.19 31.82
C ALA A 101 -6.62 -10.44 30.90
N TYR A 102 -6.46 -10.95 29.69
CA TYR A 102 -5.62 -10.32 28.67
C TYR A 102 -6.09 -8.90 28.37
N LEU A 103 -7.38 -8.73 28.10
CA LEU A 103 -7.94 -7.40 27.89
C LEU A 103 -7.73 -6.51 29.11
N GLY A 104 -7.79 -7.11 30.31
CA GLY A 104 -7.59 -6.36 31.53
C GLY A 104 -6.18 -5.82 31.64
N LEU A 105 -5.19 -6.65 31.30
CA LEU A 105 -3.80 -6.19 31.30
C LEU A 105 -3.61 -5.04 30.30
N TRP A 106 -4.21 -5.18 29.11
CA TRP A 106 -4.14 -4.06 28.15
C TRP A 106 -4.80 -2.83 28.75
N GLY A 107 -5.85 -3.04 29.54
CA GLY A 107 -6.53 -1.95 30.23
C GLY A 107 -5.65 -1.25 31.27
N VAL A 108 -4.93 -2.05 32.05
CA VAL A 108 -4.00 -1.52 33.05
C VAL A 108 -2.89 -0.71 32.40
N PHE A 109 -2.28 -1.27 31.35
CA PHE A 109 -1.30 -0.53 30.54
C PHE A 109 -1.89 0.82 30.09
N THR A 110 -3.12 0.80 29.57
CA THR A 110 -3.72 2.01 29.04
C THR A 110 -4.00 3.05 30.14
N LEU A 111 -4.43 2.57 31.30
CA LEU A 111 -4.66 3.47 32.44
C LEU A 111 -3.37 4.19 32.84
N PHE A 112 -2.26 3.44 32.97
CA PHE A 112 -1.00 4.12 33.31
C PHE A 112 -0.62 5.11 32.23
N MET A 113 -0.77 4.71 30.97
CA MET A 113 -0.35 5.57 29.87
C MET A 113 -1.22 6.83 29.81
N PHE A 114 -2.50 6.70 30.20
CA PHE A 114 -3.39 7.85 30.26
C PHE A 114 -2.79 8.96 31.11
N PHE A 115 -2.15 8.59 32.22
CA PHE A 115 -1.59 9.62 33.10
C PHE A 115 -0.41 10.29 32.44
N GLY A 116 0.23 9.57 31.51
CA GLY A 116 1.29 10.15 30.70
C GLY A 116 0.83 11.19 29.70
N THR A 117 -0.48 11.29 29.47
CA THR A 117 -0.99 12.27 28.50
C THR A 117 -1.41 13.59 29.16
N LEU A 118 -1.24 13.73 30.47
CA LEU A 118 -1.78 14.89 31.16
C LEU A 118 -1.22 16.24 30.71
N LYS A 119 -0.02 16.23 30.11
CA LYS A 119 0.54 17.45 29.54
C LYS A 119 0.32 17.56 28.03
N ALA A 120 -0.23 16.51 27.43
CA ALA A 120 -0.40 16.42 25.97
C ALA A 120 -1.75 17.02 25.56
N ALA A 121 -2.06 16.95 24.25
CA ALA A 121 -3.32 17.48 23.73
C ALA A 121 -4.51 16.85 24.43
N ARG A 122 -5.55 17.66 24.67
CA ARG A 122 -6.78 17.16 25.31
C ARG A 122 -7.37 16.00 24.53
N ALA A 123 -7.34 16.10 23.21
CA ALA A 123 -7.89 15.07 22.36
C ALA A 123 -7.18 13.74 22.60
N LEU A 124 -5.89 13.78 22.85
CA LEU A 124 -5.13 12.54 23.15
C LEU A 124 -5.51 11.98 24.53
N GLN A 125 -5.77 12.87 25.49
CA GLN A 125 -6.23 12.43 26.81
C GLN A 125 -7.56 11.71 26.66
N PHE A 126 -8.45 12.25 25.83
CA PHE A 126 -9.75 11.63 25.59
C PHE A 126 -9.59 10.26 24.96
N VAL A 127 -8.67 10.14 24.01
CA VAL A 127 -8.42 8.84 23.39
C VAL A 127 -8.02 7.81 24.44
N PHE A 128 -7.10 8.16 25.31
CA PHE A 128 -6.62 7.19 26.29
C PHE A 128 -7.62 6.96 27.42
N LEU A 129 -8.45 7.95 27.74
CA LEU A 129 -9.46 7.72 28.76
C LEU A 129 -10.53 6.76 28.24
N SER A 130 -11.00 6.99 27.02
CA SER A 130 -12.07 6.15 26.51
C SER A 130 -11.54 4.75 26.24
N LEU A 131 -10.27 4.66 25.86
CA LEU A 131 -9.63 3.37 25.64
C LEU A 131 -9.50 2.57 26.91
N THR A 132 -9.17 3.25 28.01
CA THR A 132 -9.11 2.58 29.31
C THR A 132 -10.47 2.00 29.65
N VAL A 133 -11.49 2.83 29.52
CA VAL A 133 -12.85 2.39 29.79
C VAL A 133 -13.21 1.25 28.86
N LEU A 134 -12.88 1.39 27.58
CA LEU A 134 -13.15 0.36 26.61
C LEU A 134 -12.55 -1.00 27.03
N PHE A 135 -11.26 -1.05 27.36
CA PHE A 135 -10.64 -2.30 27.78
C PHE A 135 -11.25 -2.87 29.07
N ALA A 136 -11.49 -2.00 30.05
CA ALA A 136 -12.08 -2.43 31.34
C ALA A 136 -13.43 -3.11 31.13
N LEU A 137 -14.26 -2.50 30.29
CA LEU A 137 -15.58 -3.04 30.01
C LEU A 137 -15.51 -4.33 29.21
N LEU A 138 -14.64 -4.39 28.21
CA LEU A 138 -14.46 -5.64 27.46
C LEU A 138 -13.93 -6.70 28.41
N ALA A 139 -13.04 -6.31 29.32
CA ALA A 139 -12.48 -7.29 30.23
C ALA A 139 -13.60 -7.85 31.11
N PHE A 140 -14.37 -6.96 31.72
CA PHE A 140 -15.45 -7.39 32.61
C PHE A 140 -16.47 -8.24 31.88
N GLY A 141 -16.94 -7.73 30.74
CA GLY A 141 -17.89 -8.42 29.89
C GLY A 141 -17.53 -9.85 29.55
N ASN A 142 -16.26 -10.10 29.24
CA ASN A 142 -15.79 -11.45 28.94
C ASN A 142 -15.58 -12.29 30.19
N ILE A 143 -15.16 -11.66 31.28
CA ILE A 143 -14.92 -12.42 32.49
C ILE A 143 -16.25 -12.84 33.09
N ALA A 144 -17.22 -11.93 33.08
CA ALA A 144 -18.51 -12.15 33.71
C ALA A 144 -19.55 -12.70 32.73
N GLY A 145 -19.19 -12.79 31.46
CA GLY A 145 -20.10 -13.31 30.45
C GLY A 145 -21.35 -12.47 30.29
N ASN A 146 -21.17 -11.16 30.36
CA ASN A 146 -22.27 -10.21 30.32
C ASN A 146 -22.34 -9.52 28.96
N GLU A 147 -23.26 -9.96 28.10
CA GLU A 147 -23.30 -9.44 26.74
C GLU A 147 -23.67 -7.97 26.74
N ALA A 148 -24.47 -7.53 27.71
CA ALA A 148 -24.90 -6.15 27.73
C ALA A 148 -23.71 -5.22 27.96
N VAL A 149 -22.77 -5.67 28.77
CA VAL A 149 -21.58 -4.86 29.04
C VAL A 149 -20.75 -4.78 27.76
N ILE A 150 -20.65 -5.89 27.04
CA ILE A 150 -19.94 -5.86 25.75
C ILE A 150 -20.57 -4.86 24.79
N HIS A 151 -21.89 -4.82 24.72
CA HIS A 151 -22.59 -3.90 23.83
C HIS A 151 -22.30 -2.45 24.20
N VAL A 152 -22.30 -2.15 25.50
CA VAL A 152 -21.95 -0.81 25.94
C VAL A 152 -20.50 -0.48 25.59
N ALA A 153 -19.61 -1.45 25.82
CA ALA A 153 -18.21 -1.31 25.47
C ALA A 153 -18.08 -0.98 23.98
N GLY A 154 -18.85 -1.67 23.15
CA GLY A 154 -18.85 -1.44 21.72
C GLY A 154 -19.08 0.02 21.35
N TRP A 155 -20.13 0.62 21.93
CA TRP A 155 -20.41 2.03 21.70
C TRP A 155 -19.29 2.94 22.17
N ILE A 156 -18.73 2.65 23.33
CA ILE A 156 -17.59 3.42 23.83
C ILE A 156 -16.42 3.32 22.84
N GLY A 157 -16.24 2.13 22.29
CA GLY A 157 -15.21 1.87 21.29
C GLY A 157 -15.36 2.68 20.01
N LEU A 158 -16.61 2.84 19.56
CA LEU A 158 -16.84 3.67 18.37
C LEU A 158 -16.41 5.10 18.66
N VAL A 159 -16.68 5.57 19.87
CA VAL A 159 -16.31 6.93 20.23
C VAL A 159 -14.80 7.08 20.36
N CYS A 160 -14.18 6.10 20.99
CA CYS A 160 -12.75 6.06 21.13
C CYS A 160 -12.06 6.10 19.76
N GLY A 161 -12.46 5.17 18.89
CA GLY A 161 -11.87 5.05 17.57
C GLY A 161 -12.04 6.34 16.78
N ALA A 162 -13.24 6.90 16.83
CA ALA A 162 -13.53 8.14 16.13
C ALA A 162 -12.70 9.32 16.64
N SER A 163 -12.42 9.34 17.95
CA SER A 163 -11.66 10.45 18.51
C SER A 163 -10.20 10.35 18.07
N ALA A 164 -9.71 9.13 17.88
CA ALA A 164 -8.35 8.94 17.38
C ALA A 164 -8.19 9.43 15.94
N ILE A 165 -9.22 9.19 15.14
CA ILE A 165 -9.20 9.61 13.75
C ILE A 165 -9.24 11.13 13.71
N TYR A 166 -10.13 11.70 14.54
CA TYR A 166 -10.19 13.15 14.67
C TYR A 166 -8.82 13.72 15.06
N LEU A 167 -8.19 13.16 16.08
CA LEU A 167 -6.88 13.66 16.49
C LEU A 167 -5.82 13.50 15.38
N ALA A 168 -5.85 12.38 14.67
CA ALA A 168 -4.88 12.13 13.60
C ALA A 168 -5.03 13.20 12.53
N MET A 169 -6.26 13.48 12.15
CA MET A 169 -6.48 14.39 11.04
C MET A 169 -6.23 15.83 11.44
N GLY A 170 -6.48 16.14 12.71
CA GLY A 170 -6.12 17.44 13.25
C GLY A 170 -4.61 17.64 13.14
N GLU A 171 -3.84 16.66 13.58
CA GLU A 171 -2.38 16.78 13.51
C GLU A 171 -1.92 16.97 12.07
N VAL A 172 -2.51 16.21 11.13
CA VAL A 172 -2.11 16.36 9.72
C VAL A 172 -2.50 17.73 9.17
N LEU A 173 -3.76 18.12 9.32
CA LEU A 173 -4.24 19.40 8.75
C LEU A 173 -3.57 20.59 9.41
N ASN A 174 -3.43 20.55 10.73
CA ASN A 174 -2.82 21.65 11.44
C ASN A 174 -1.37 21.85 11.00
N GLU A 175 -0.67 20.75 10.72
CA GLU A 175 0.69 20.86 10.19
C GLU A 175 0.68 21.35 8.75
N GLN A 176 -0.23 20.80 7.92
CA GLN A 176 -0.29 21.21 6.51
C GLN A 176 -0.52 22.71 6.37
N PHE A 177 -1.43 23.26 7.16
CA PHE A 177 -1.77 24.68 7.04
C PHE A 177 -0.92 25.60 7.94
N GLY A 178 -0.12 25.02 8.83
CA GLY A 178 0.74 25.82 9.70
C GLY A 178 -0.01 26.61 10.75
N ARG A 179 -1.21 26.14 11.10
CA ARG A 179 -2.05 26.78 12.11
C ARG A 179 -3.16 25.82 12.51
N THR A 180 -3.90 26.15 13.56
CA THR A 180 -4.99 25.28 14.00
C THR A 180 -6.18 25.31 13.05
N ILE A 181 -6.48 24.16 12.48
CA ILE A 181 -7.65 23.99 11.63
C ILE A 181 -8.68 23.20 12.39
N LEU A 182 -8.21 22.15 13.07
CA LEU A 182 -9.06 21.33 13.91
C LEU A 182 -8.50 21.41 15.32
N PRO A 183 -9.28 21.99 16.25
CA PRO A 183 -8.75 22.14 17.61
C PRO A 183 -8.61 20.76 18.27
N ILE A 184 -7.43 20.48 18.80
CA ILE A 184 -7.22 19.18 19.45
C ILE A 184 -6.81 19.38 20.91
N GLY A 185 -6.81 20.63 21.36
CA GLY A 185 -6.61 20.92 22.76
C GLY A 185 -5.16 20.84 23.16
N GLU A 186 -4.29 21.25 22.25
CA GLU A 186 -2.87 21.40 22.51
C GLU A 186 -2.66 22.21 23.78
N ALA A 187 -1.66 21.85 24.58
CA ALA A 187 -1.32 22.67 25.72
C ALA A 187 -0.54 23.87 25.22
N HIS A 188 -0.91 25.06 25.65
CA HIS A 188 -0.08 26.21 25.32
C HIS A 188 0.37 26.92 26.60
N LEU A 189 -0.26 28.03 26.97
CA LEU A 189 0.26 28.81 28.08
C LEU A 189 -0.44 28.49 29.40
N VAL A 190 -1.67 27.99 29.34
CA VAL A 190 -2.40 27.63 30.55
C VAL A 190 -1.82 26.36 31.18
N PRO A 191 -1.42 26.42 32.47
CA PRO A 191 -0.76 25.28 33.12
C PRO A 191 -1.70 24.09 33.33
N ARG A 192 -1.20 22.87 33.19
CA ARG A 192 -2.06 21.70 33.25
C ARG A 192 -2.32 21.24 34.69
N LYS B 5 18.30 16.06 -0.59
CA LYS B 5 19.03 15.29 -1.60
C LYS B 5 18.46 13.89 -1.74
N LEU B 6 17.52 13.52 -0.87
CA LEU B 6 16.89 12.20 -0.95
C LEU B 6 15.94 12.13 -2.13
N ALA B 7 15.80 10.94 -2.70
CA ALA B 7 14.92 10.77 -3.85
C ALA B 7 13.47 11.06 -3.48
N ASN B 8 12.67 11.39 -4.49
CA ASN B 8 11.24 11.56 -4.28
C ASN B 8 10.50 10.22 -4.37
N PRO B 9 9.89 9.76 -3.27
CA PRO B 9 9.21 8.47 -3.32
C PRO B 9 7.74 8.57 -3.72
N ALA B 10 7.22 9.78 -3.92
CA ALA B 10 5.81 9.92 -4.22
C ALA B 10 5.41 9.24 -5.55
N PRO B 11 6.22 9.40 -6.65
CA PRO B 11 5.84 8.67 -7.87
C PRO B 11 5.69 7.15 -7.68
N LEU B 12 6.55 6.54 -6.85
CA LEU B 12 6.39 5.13 -6.56
C LEU B 12 5.04 4.82 -5.94
N GLY B 13 4.66 5.59 -4.92
CA GLY B 13 3.43 5.30 -4.21
C GLY B 13 2.21 5.56 -5.05
N LEU B 14 2.27 6.64 -5.83
CA LEU B 14 1.17 7.03 -6.72
C LEU B 14 0.97 6.01 -7.82
N MET B 15 2.06 5.48 -8.34
CA MET B 15 1.99 4.43 -9.37
C MET B 15 1.36 3.14 -8.82
N GLY B 16 1.79 2.73 -7.63
CA GLY B 16 1.25 1.52 -7.02
C GLY B 16 -0.25 1.70 -6.81
N PHE B 17 -0.62 2.82 -6.22
CA PHE B 17 -2.03 3.17 -6.03
CA PHE B 17 -2.03 3.11 -6.02
C PHE B 17 -2.79 3.20 -7.35
N GLY B 18 -2.25 3.95 -8.30
CA GLY B 18 -2.96 4.20 -9.55
C GLY B 18 -3.22 2.97 -10.40
N MET B 19 -2.18 2.17 -10.60
CA MET B 19 -2.31 0.95 -11.39
C MET B 19 -3.31 -0.01 -10.78
N THR B 20 -3.18 -0.20 -9.47
CA THR B 20 -3.99 -1.19 -8.79
C THR B 20 -5.44 -0.69 -8.75
N THR B 21 -5.62 0.59 -8.50
CA THR B 21 -6.94 1.22 -8.59
C THR B 21 -7.58 1.01 -9.97
N ILE B 22 -6.82 1.17 -11.04
CA ILE B 22 -7.42 0.98 -12.38
C ILE B 22 -7.85 -0.47 -12.54
N LEU B 23 -7.00 -1.39 -12.11
CA LEU B 23 -7.30 -2.80 -12.31
C LEU B 23 -8.53 -3.23 -11.49
N LEU B 24 -8.62 -2.79 -10.23
CA LEU B 24 -9.79 -3.10 -9.42
C LEU B 24 -11.06 -2.59 -10.10
N ASN B 25 -10.98 -1.38 -10.62
CA ASN B 25 -12.18 -0.77 -11.12
C ASN B 25 -12.56 -1.14 -12.55
N LEU B 26 -11.68 -1.87 -13.24
CA LEU B 26 -12.09 -2.55 -14.46
C LEU B 26 -13.06 -3.67 -14.08
N HIS B 27 -12.86 -4.25 -12.89
CA HIS B 27 -13.81 -5.23 -12.44
C HIS B 27 -15.11 -4.52 -12.01
N ASN B 28 -14.99 -3.42 -11.27
CA ASN B 28 -16.19 -2.75 -10.76
C ASN B 28 -17.04 -2.16 -11.87
N ALA B 29 -16.39 -1.69 -12.93
CA ALA B 29 -17.12 -1.10 -14.06
C ALA B 29 -17.78 -2.21 -14.89
N GLY B 30 -17.42 -3.45 -14.61
CA GLY B 30 -18.10 -4.61 -15.17
C GLY B 30 -17.43 -5.30 -16.35
N PHE B 31 -16.14 -5.04 -16.57
CA PHE B 31 -15.42 -5.70 -17.66
C PHE B 31 -14.93 -7.11 -17.33
N PHE B 32 -14.53 -7.31 -16.09
CA PHE B 32 -13.94 -8.58 -15.68
C PHE B 32 -14.41 -9.02 -14.30
N ALA B 33 -14.39 -10.33 -14.07
CA ALA B 33 -14.50 -10.84 -12.71
C ALA B 33 -13.25 -10.44 -11.92
N LEU B 34 -13.33 -10.49 -10.60
CA LEU B 34 -12.15 -10.22 -9.78
C LEU B 34 -11.29 -11.47 -9.77
N ASP B 35 -10.11 -11.42 -10.39
CA ASP B 35 -9.22 -12.58 -10.28
C ASP B 35 -7.86 -12.21 -9.72
N GLY B 36 -6.92 -13.14 -9.79
CA GLY B 36 -5.61 -12.98 -9.19
C GLY B 36 -4.84 -11.73 -9.59
N ILE B 37 -5.17 -11.16 -10.74
CA ILE B 37 -4.41 -10.01 -11.24
C ILE B 37 -4.56 -8.86 -10.26
N ILE B 38 -5.80 -8.61 -9.86
CA ILE B 38 -6.07 -7.52 -8.94
C ILE B 38 -5.40 -7.80 -7.60
N LEU B 39 -5.49 -9.04 -7.16
CA LEU B 39 -5.01 -9.40 -5.83
C LEU B 39 -3.50 -9.34 -5.74
N ALA B 40 -2.82 -9.82 -6.79
CA ALA B 40 -1.37 -9.78 -6.88
C ALA B 40 -0.88 -8.33 -6.84
N MET B 41 -1.54 -7.48 -7.60
CA MET B 41 -1.18 -6.08 -7.63
C MET B 41 -1.48 -5.42 -6.29
N GLY B 42 -2.57 -5.85 -5.66
CA GLY B 42 -2.92 -5.32 -4.35
C GLY B 42 -1.89 -5.65 -3.30
N ILE B 43 -1.33 -6.85 -3.37
CA ILE B 43 -0.33 -7.29 -2.40
C ILE B 43 0.99 -6.51 -2.59
N PHE B 44 1.51 -6.50 -3.81
CA PHE B 44 2.91 -6.10 -3.98
C PHE B 44 3.14 -4.66 -4.43
N TYR B 45 2.20 -4.09 -5.18
CA TYR B 45 2.43 -2.78 -5.77
C TYR B 45 1.53 -1.76 -5.11
N GLY B 46 0.22 -1.95 -5.18
CA GLY B 46 -0.68 -1.08 -4.44
C GLY B 46 -0.40 -1.22 -2.96
N GLY B 47 0.07 -2.40 -2.54
CA GLY B 47 0.30 -2.68 -1.13
C GLY B 47 1.72 -2.35 -0.65
N ILE B 48 2.59 -3.35 -0.77
CA ILE B 48 3.93 -3.24 -0.22
C ILE B 48 4.75 -2.07 -0.78
N ALA B 49 4.71 -1.87 -2.10
CA ALA B 49 5.51 -0.78 -2.70
C ALA B 49 5.00 0.58 -2.23
N GLN B 50 3.70 0.71 -2.06
CA GLN B 50 3.17 1.97 -1.56
C GLN B 50 3.56 2.19 -0.09
N ILE B 51 3.58 1.11 0.68
CA ILE B 51 4.09 1.20 2.06
C ILE B 51 5.56 1.69 2.09
N PHE B 52 6.40 1.12 1.22
CA PHE B 52 7.79 1.60 1.09
C PHE B 52 7.81 3.09 0.80
N ALA B 53 7.00 3.51 -0.16
CA ALA B 53 6.93 4.92 -0.52
C ALA B 53 6.54 5.78 0.70
N GLY B 54 5.58 5.33 1.50
CA GLY B 54 5.16 6.04 2.72
C GLY B 54 6.31 6.18 3.71
N LEU B 55 6.98 5.08 4.00
CA LEU B 55 8.07 5.10 4.97
C LEU B 55 9.21 5.99 4.48
N LEU B 56 9.41 6.07 3.16
CA LEU B 56 10.48 6.91 2.63
C LEU B 56 10.16 8.41 2.76
N GLU B 57 8.91 8.76 3.08
CA GLU B 57 8.56 10.18 3.28
C GLU B 57 8.99 10.68 4.65
N TYR B 58 9.33 9.75 5.54
CA TYR B 58 9.67 10.07 6.93
C TYR B 58 10.90 10.96 7.00
N LYS B 59 11.98 10.55 6.35
CA LYS B 59 13.18 11.36 6.41
C LYS B 59 13.07 12.59 5.52
N LYS B 60 12.09 12.62 4.63
CA LYS B 60 11.85 13.81 3.84
C LYS B 60 11.00 14.84 4.60
N GLY B 61 10.61 14.50 5.82
CA GLY B 61 9.87 15.43 6.65
C GLY B 61 8.44 15.62 6.19
N ASN B 62 7.91 14.65 5.43
CA ASN B 62 6.60 14.85 4.81
C ASN B 62 5.53 14.02 5.51
N THR B 63 4.92 14.61 6.53
CA THR B 63 3.90 13.92 7.29
C THR B 63 2.69 13.48 6.46
N PHE B 64 2.24 14.33 5.55
CA PHE B 64 1.06 14.01 4.74
C PHE B 64 1.35 12.74 3.96
N GLY B 65 2.51 12.71 3.31
CA GLY B 65 2.88 11.57 2.47
C GLY B 65 3.10 10.29 3.27
N LEU B 66 3.78 10.41 4.42
CA LEU B 66 3.95 9.25 5.30
C LEU B 66 2.57 8.70 5.68
N THR B 67 1.66 9.61 6.01
CA THR B 67 0.33 9.19 6.43
C THR B 67 -0.47 8.58 5.28
N ALA B 68 -0.48 9.25 4.13
CA ALA B 68 -1.29 8.79 3.00
C ALA B 68 -0.79 7.47 2.40
N PHE B 69 0.47 7.41 1.97
CA PHE B 69 0.95 6.21 1.28
C PHE B 69 0.95 4.98 2.17
N THR B 70 1.39 5.11 3.41
CA THR B 70 1.45 3.93 4.29
C THR B 70 0.03 3.43 4.59
N SER B 71 -0.91 4.35 4.75
CA SER B 71 -2.31 3.98 4.99
C SER B 71 -2.95 3.29 3.76
N TYR B 72 -2.79 3.88 2.59
CA TYR B 72 -3.46 3.30 1.42
C TYR B 72 -2.75 2.02 1.00
N GLY B 73 -1.46 1.92 1.27
CA GLY B 73 -0.76 0.66 1.06
C GLY B 73 -1.35 -0.40 1.98
N SER B 74 -1.58 -0.01 3.24
CA SER B 74 -2.23 -0.92 4.18
C SER B 74 -3.65 -1.28 3.71
N PHE B 75 -4.37 -0.30 3.20
CA PHE B 75 -5.71 -0.59 2.65
C PHE B 75 -5.70 -1.73 1.63
N TRP B 76 -4.78 -1.66 0.67
CA TRP B 76 -4.72 -2.67 -0.36
C TRP B 76 -4.46 -4.04 0.25
N LEU B 77 -3.56 -4.09 1.22
CA LEU B 77 -3.27 -5.38 1.85
C LEU B 77 -4.51 -5.89 2.59
N THR B 78 -5.24 -5.00 3.27
CA THR B 78 -6.42 -5.45 4.01
C THR B 78 -7.47 -5.98 3.02
N LEU B 79 -7.68 -5.29 1.91
CA LEU B 79 -8.67 -5.74 0.93
C LEU B 79 -8.30 -7.09 0.35
N VAL B 80 -7.03 -7.30 0.00
CA VAL B 80 -6.62 -8.59 -0.50
C VAL B 80 -6.81 -9.68 0.57
N ALA B 81 -6.50 -9.39 1.83
CA ALA B 81 -6.66 -10.39 2.87
C ALA B 81 -8.14 -10.74 3.04
N ILE B 82 -8.99 -9.73 2.99
CA ILE B 82 -10.43 -9.93 3.14
C ILE B 82 -10.93 -10.92 2.10
N LEU B 83 -10.42 -10.78 0.88
CA LEU B 83 -10.88 -11.59 -0.23
C LEU B 83 -10.21 -12.96 -0.33
N LEU B 84 -9.00 -13.11 0.22
CA LEU B 84 -8.30 -14.41 0.13
C LEU B 84 -8.45 -15.29 1.37
N MET B 85 -8.67 -14.70 2.52
CA MET B 85 -8.86 -15.53 3.72
C MET B 85 -10.02 -16.55 3.59
N PRO B 86 -11.11 -16.20 2.87
CA PRO B 86 -12.10 -17.26 2.64
C PRO B 86 -11.60 -18.41 1.79
N LYS B 87 -10.77 -18.11 0.79
CA LYS B 87 -10.16 -19.14 -0.03
C LYS B 87 -9.17 -19.97 0.79
N MET B 88 -8.68 -19.42 1.89
CA MET B 88 -7.72 -20.16 2.71
C MET B 88 -8.40 -20.99 3.80
N GLY B 89 -9.72 -20.87 3.90
CA GLY B 89 -10.46 -21.58 4.93
C GLY B 89 -10.37 -20.90 6.30
N LEU B 90 -10.00 -19.62 6.31
CA LEU B 90 -9.79 -18.91 7.58
C LEU B 90 -11.00 -18.09 8.00
N THR B 91 -11.76 -17.60 7.02
CA THR B 91 -12.95 -16.80 7.29
C THR B 91 -14.01 -17.22 6.30
N GLU B 92 -15.17 -16.58 6.37
CA GLU B 92 -16.18 -16.70 5.32
C GLU B 92 -16.21 -15.42 4.51
N ALA B 93 -16.92 -15.45 3.40
CA ALA B 93 -17.01 -14.27 2.54
C ALA B 93 -17.47 -13.11 3.38
N PRO B 94 -16.88 -11.93 3.13
CA PRO B 94 -17.20 -10.75 3.95
C PRO B 94 -18.65 -10.34 3.84
N ASN B 95 -19.21 -9.82 4.93
CA ASN B 95 -20.51 -9.18 4.91
C ASN B 95 -20.47 -7.86 4.13
N ALA B 96 -21.35 -7.72 3.13
CA ALA B 96 -21.33 -6.56 2.24
C ALA B 96 -21.64 -5.25 2.94
N GLN B 97 -22.55 -5.28 3.90
CA GLN B 97 -22.83 -4.04 4.61
C GLN B 97 -21.63 -3.70 5.49
N PHE B 98 -21.03 -4.70 6.11
CA PHE B 98 -19.81 -4.51 6.90
C PHE B 98 -18.72 -3.92 5.99
N LEU B 99 -18.54 -4.54 4.83
CA LEU B 99 -17.54 -4.07 3.87
C LEU B 99 -17.81 -2.62 3.49
N GLY B 100 -19.09 -2.29 3.35
CA GLY B 100 -19.51 -0.93 3.10
C GLY B 100 -19.10 0.04 4.19
N ALA B 101 -19.21 -0.38 5.45
CA ALA B 101 -18.77 0.47 6.57
C ALA B 101 -17.27 0.72 6.46
N TYR B 102 -16.54 -0.37 6.20
CA TYR B 102 -15.08 -0.35 6.06
C TYR B 102 -14.69 0.60 4.94
N LEU B 103 -15.36 0.50 3.81
CA LEU B 103 -15.08 1.41 2.71
C LEU B 103 -15.44 2.86 3.07
N GLY B 104 -16.49 3.04 3.85
CA GLY B 104 -16.88 4.38 4.26
C GLY B 104 -15.84 5.04 5.14
N LEU B 105 -15.24 4.27 6.03
CA LEU B 105 -14.18 4.78 6.90
C LEU B 105 -12.99 5.23 6.06
N TRP B 106 -12.63 4.43 5.04
CA TRP B 106 -11.53 4.82 4.17
C TRP B 106 -11.88 6.09 3.43
N GLY B 107 -13.16 6.23 3.06
CA GLY B 107 -13.62 7.45 2.43
C GLY B 107 -13.55 8.66 3.34
N VAL B 108 -13.92 8.47 4.61
CA VAL B 108 -13.84 9.56 5.57
C VAL B 108 -12.39 10.03 5.75
N PHE B 109 -11.50 9.07 5.91
CA PHE B 109 -10.06 9.35 5.94
C PHE B 109 -9.68 10.16 4.69
N THR B 110 -10.10 9.69 3.53
CA THR B 110 -9.73 10.36 2.28
C THR B 110 -10.26 11.79 2.20
N LEU B 111 -11.48 12.02 2.69
CA LEU B 111 -12.04 13.38 2.70
C LEU B 111 -11.27 14.34 3.60
N PHE B 112 -10.94 13.94 4.82
CA PHE B 112 -10.08 14.77 5.65
C PHE B 112 -8.77 15.06 4.92
N MET B 113 -8.16 14.00 4.35
CA MET B 113 -6.85 14.18 3.70
C MET B 113 -6.97 15.07 2.47
N PHE B 114 -8.13 15.02 1.80
CA PHE B 114 -8.32 15.92 0.67
C PHE B 114 -8.12 17.40 1.08
N PHE B 115 -8.61 17.78 2.25
CA PHE B 115 -8.46 19.16 2.69
C PHE B 115 -7.00 19.45 2.97
N GLY B 116 -6.24 18.41 3.33
CA GLY B 116 -4.80 18.52 3.36
C GLY B 116 -4.12 18.82 2.03
N THR B 117 -4.74 18.44 0.91
CA THR B 117 -4.07 18.65 -0.38
C THR B 117 -4.28 20.06 -0.92
N LEU B 118 -5.12 20.84 -0.25
CA LEU B 118 -5.44 22.16 -0.77
C LEU B 118 -4.22 23.06 -0.75
N LYS B 119 -3.21 22.62 -0.01
CA LYS B 119 -1.93 23.31 0.05
C LYS B 119 -0.96 22.74 -0.97
N ALA B 120 -1.37 21.68 -1.67
CA ALA B 120 -0.49 20.97 -2.59
C ALA B 120 -0.94 21.06 -4.04
N ALA B 121 -0.25 20.32 -4.91
CA ALA B 121 -0.50 20.33 -6.36
C ALA B 121 -1.97 20.09 -6.71
N ARG B 122 -2.50 20.88 -7.64
CA ARG B 122 -3.87 20.69 -8.10
C ARG B 122 -4.17 19.27 -8.57
N ALA B 123 -3.21 18.63 -9.22
CA ALA B 123 -3.43 17.26 -9.69
C ALA B 123 -3.61 16.31 -8.50
N LEU B 124 -2.92 16.58 -7.40
CA LEU B 124 -3.06 15.76 -6.20
C LEU B 124 -4.44 15.98 -5.58
N GLN B 125 -4.93 17.21 -5.64
CA GLN B 125 -6.28 17.51 -5.15
C GLN B 125 -7.31 16.70 -5.91
N PHE B 126 -7.12 16.60 -7.23
CA PHE B 126 -8.03 15.80 -8.07
C PHE B 126 -7.96 14.33 -7.68
N VAL B 127 -6.76 13.83 -7.40
CA VAL B 127 -6.63 12.44 -6.98
C VAL B 127 -7.45 12.19 -5.71
N PHE B 128 -7.33 13.07 -4.73
CA PHE B 128 -8.04 12.82 -3.46
C PHE B 128 -9.53 13.10 -3.52
N LEU B 129 -9.95 14.08 -4.32
CA LEU B 129 -11.38 14.33 -4.50
C LEU B 129 -12.02 13.13 -5.21
N SER B 130 -11.40 12.66 -6.29
CA SER B 130 -12.01 11.54 -7.01
C SER B 130 -11.95 10.29 -6.14
N LEU B 131 -10.88 10.13 -5.35
CA LEU B 131 -10.78 8.98 -4.45
C LEU B 131 -11.85 9.02 -3.35
N THR B 132 -12.14 10.22 -2.85
CA THR B 132 -13.22 10.36 -1.88
C THR B 132 -14.55 9.90 -2.46
N VAL B 133 -14.85 10.35 -3.68
CA VAL B 133 -16.08 9.94 -4.38
C VAL B 133 -16.09 8.46 -4.65
N LEU B 134 -14.94 7.91 -5.01
CA LEU B 134 -14.86 6.48 -5.29
C LEU B 134 -15.22 5.69 -4.04
N PHE B 135 -14.60 6.01 -2.91
CA PHE B 135 -14.90 5.26 -1.70
C PHE B 135 -16.37 5.42 -1.31
N ALA B 136 -16.89 6.63 -1.44
CA ALA B 136 -18.29 6.90 -1.05
C ALA B 136 -19.25 6.04 -1.87
N LEU B 137 -19.03 6.00 -3.18
CA LEU B 137 -19.88 5.21 -4.08
C LEU B 137 -19.73 3.71 -3.88
N LEU B 138 -18.52 3.23 -3.62
CA LEU B 138 -18.33 1.81 -3.35
C LEU B 138 -18.97 1.43 -2.00
N ALA B 139 -18.95 2.37 -1.07
CA ALA B 139 -19.55 2.14 0.24
C ALA B 139 -21.07 2.04 0.10
N PHE B 140 -21.66 3.04 -0.51
CA PHE B 140 -23.12 3.06 -0.74
C PHE B 140 -23.53 1.82 -1.52
N GLY B 141 -22.82 1.57 -2.61
CA GLY B 141 -23.08 0.43 -3.47
C GLY B 141 -23.15 -0.89 -2.73
N ASN B 142 -22.16 -1.16 -1.87
CA ASN B 142 -22.18 -2.40 -1.10
C ASN B 142 -23.24 -2.42 -0.01
N ILE B 143 -23.46 -1.29 0.63
CA ILE B 143 -24.44 -1.25 1.71
C ILE B 143 -25.83 -1.43 1.13
N ALA B 144 -26.16 -0.62 0.12
CA ALA B 144 -27.46 -0.65 -0.53
C ALA B 144 -27.61 -1.80 -1.52
N GLY B 145 -26.56 -2.58 -1.73
CA GLY B 145 -26.58 -3.67 -2.71
C GLY B 145 -26.91 -3.25 -4.13
N ASN B 146 -26.64 -1.98 -4.45
CA ASN B 146 -26.94 -1.41 -5.76
C ASN B 146 -25.79 -1.60 -6.77
N GLU B 147 -25.95 -2.55 -7.68
CA GLU B 147 -24.87 -2.86 -8.63
C GLU B 147 -24.62 -1.73 -9.63
N ALA B 148 -25.66 -0.95 -9.94
CA ALA B 148 -25.52 0.19 -10.84
C ALA B 148 -24.58 1.22 -10.26
N VAL B 149 -24.66 1.43 -8.95
CA VAL B 149 -23.77 2.38 -8.29
C VAL B 149 -22.31 1.89 -8.30
N ILE B 150 -22.09 0.58 -8.17
CA ILE B 150 -20.75 0.00 -8.22
C ILE B 150 -20.06 0.23 -9.58
N HIS B 151 -20.79 -0.13 -10.63
CA HIS B 151 -20.53 0.26 -12.01
C HIS B 151 -20.13 1.73 -12.21
N VAL B 152 -20.90 2.68 -11.70
CA VAL B 152 -20.49 4.08 -11.83
C VAL B 152 -19.23 4.35 -11.04
N ALA B 153 -19.14 3.74 -9.87
CA ALA B 153 -17.94 3.84 -9.06
C ALA B 153 -16.74 3.38 -9.90
N GLY B 154 -16.88 2.24 -10.58
CA GLY B 154 -15.85 1.71 -11.45
C GLY B 154 -15.25 2.73 -12.40
N TRP B 155 -16.10 3.44 -13.14
CA TRP B 155 -15.64 4.48 -14.06
C TRP B 155 -14.91 5.61 -13.34
N ILE B 156 -15.46 6.06 -12.22
CA ILE B 156 -14.81 7.06 -11.37
C ILE B 156 -13.41 6.57 -10.92
N GLY B 157 -13.31 5.29 -10.58
CA GLY B 157 -12.04 4.68 -10.19
C GLY B 157 -11.01 4.64 -11.31
N LEU B 158 -11.47 4.38 -12.54
CA LEU B 158 -10.59 4.42 -13.70
C LEU B 158 -10.00 5.80 -13.86
N VAL B 159 -10.82 6.82 -13.68
CA VAL B 159 -10.37 8.21 -13.82
C VAL B 159 -9.44 8.58 -12.67
N CYS B 160 -9.79 8.14 -11.47
CA CYS B 160 -8.97 8.39 -10.29
C CYS B 160 -7.60 7.74 -10.43
N GLY B 161 -7.58 6.45 -10.75
CA GLY B 161 -6.33 5.75 -10.96
C GLY B 161 -5.45 6.39 -12.03
N ALA B 162 -6.06 6.73 -13.17
CA ALA B 162 -5.33 7.35 -14.25
C ALA B 162 -4.72 8.67 -13.81
N SER B 163 -5.46 9.44 -13.03
CA SER B 163 -4.98 10.75 -12.60
C SER B 163 -3.76 10.61 -11.69
N ALA B 164 -3.72 9.51 -10.96
CA ALA B 164 -2.62 9.24 -10.06
C ALA B 164 -1.36 8.91 -10.85
N ILE B 165 -1.53 8.13 -11.91
CA ILE B 165 -0.42 7.77 -12.78
C ILE B 165 0.11 9.01 -13.49
N TYR B 166 -0.81 9.85 -13.93
CA TYR B 166 -0.46 11.12 -14.55
C TYR B 166 0.40 11.99 -13.62
N LEU B 167 -0.05 12.15 -12.37
CA LEU B 167 0.71 12.94 -11.41
C LEU B 167 2.09 12.33 -11.13
N ALA B 168 2.14 11.01 -10.97
CA ALA B 168 3.41 10.31 -10.73
C ALA B 168 4.39 10.56 -11.86
N MET B 169 3.92 10.42 -13.09
CA MET B 169 4.85 10.59 -14.20
C MET B 169 5.17 12.06 -14.42
N GLY B 170 4.23 12.94 -14.08
CA GLY B 170 4.53 14.35 -14.08
C GLY B 170 5.68 14.65 -13.12
N GLU B 171 5.62 14.06 -11.94
CA GLU B 171 6.66 14.32 -10.96
C GLU B 171 8.00 13.79 -11.46
N VAL B 172 8.01 12.58 -11.99
CA VAL B 172 9.28 12.01 -12.47
C VAL B 172 9.85 12.81 -13.63
N LEU B 173 8.99 13.13 -14.61
CA LEU B 173 9.48 13.80 -15.83
C LEU B 173 9.81 15.26 -15.59
N ASN B 174 9.05 15.94 -14.72
CA ASN B 174 9.36 17.33 -14.45
C ASN B 174 10.71 17.42 -13.73
N GLU B 175 11.00 16.46 -12.85
CA GLU B 175 12.31 16.42 -12.20
C GLU B 175 13.43 16.01 -13.17
N GLN B 176 13.19 15.02 -14.04
CA GLN B 176 14.22 14.61 -15.01
C GLN B 176 14.65 15.75 -15.94
N PHE B 177 13.70 16.54 -16.40
CA PHE B 177 13.99 17.62 -17.36
C PHE B 177 14.27 18.96 -16.67
N GLY B 178 14.02 19.01 -15.38
CA GLY B 178 14.21 20.23 -14.61
C GLY B 178 13.23 21.35 -14.92
N ARG B 179 12.09 20.99 -15.51
CA ARG B 179 11.08 21.99 -15.89
C ARG B 179 9.73 21.29 -16.03
N THR B 180 8.66 22.06 -15.98
CA THR B 180 7.33 21.45 -16.13
C THR B 180 7.11 20.86 -17.52
N ILE B 181 7.12 19.55 -17.59
CA ILE B 181 6.83 18.81 -18.81
C ILE B 181 5.34 18.51 -18.86
N LEU B 182 4.83 17.93 -17.77
CA LEU B 182 3.41 17.69 -17.61
C LEU B 182 2.90 18.59 -16.50
N PRO B 183 1.97 19.50 -16.83
CA PRO B 183 1.50 20.40 -15.77
C PRO B 183 0.69 19.63 -14.73
N ILE B 184 1.00 19.82 -13.46
CA ILE B 184 0.28 19.13 -12.41
C ILE B 184 -0.25 20.13 -11.40
N GLY B 185 -0.16 21.41 -11.76
CA GLY B 185 -0.66 22.48 -10.90
C GLY B 185 0.17 22.70 -9.66
N GLU B 186 1.49 22.62 -9.78
CA GLU B 186 2.34 22.90 -8.64
C GLU B 186 2.88 24.32 -8.71
N LYS C 5 31.48 7.97 -0.99
CA LYS C 5 30.26 7.89 -1.78
C LYS C 5 29.60 6.52 -1.60
N LEU C 6 28.31 6.44 -1.88
CA LEU C 6 27.59 5.17 -1.80
C LEU C 6 27.77 4.38 -3.08
N ALA C 7 27.70 3.05 -2.98
CA ALA C 7 27.81 2.22 -4.17
C ALA C 7 26.69 2.54 -5.13
N ASN C 8 26.94 2.23 -6.40
CA ASN C 8 25.93 2.31 -7.45
C ASN C 8 25.08 1.04 -7.47
N PRO C 9 23.78 1.16 -7.13
CA PRO C 9 22.91 -0.02 -7.11
C PRO C 9 22.29 -0.35 -8.47
N ALA C 10 22.48 0.50 -9.46
CA ALA C 10 21.83 0.26 -10.74
C ALA C 10 22.24 -1.06 -11.40
N PRO C 11 23.54 -1.41 -11.40
CA PRO C 11 23.85 -2.71 -12.03
C PRO C 11 23.13 -3.91 -11.39
N LEU C 12 22.97 -3.91 -10.07
CA LEU C 12 22.21 -4.97 -9.42
C LEU C 12 20.81 -5.02 -10.00
N GLY C 13 20.16 -3.87 -10.05
CA GLY C 13 18.76 -3.81 -10.51
C GLY C 13 18.63 -4.22 -11.96
N LEU C 14 19.57 -3.76 -12.78
CA LEU C 14 19.56 -4.04 -14.20
C LEU C 14 19.81 -5.51 -14.45
N MET C 15 20.71 -6.10 -13.66
CA MET C 15 21.00 -7.53 -13.81
C MET C 15 19.80 -8.38 -13.45
N GLY C 16 19.11 -8.01 -12.38
CA GLY C 16 18.00 -8.82 -11.93
C GLY C 16 16.89 -8.72 -12.95
N PHE C 17 16.62 -7.50 -13.37
CA PHE C 17 15.67 -7.28 -14.44
C PHE C 17 16.06 -8.02 -15.72
N GLY C 18 17.32 -7.87 -16.11
CA GLY C 18 17.73 -8.36 -17.42
C GLY C 18 17.74 -9.87 -17.53
N MET C 19 18.32 -10.53 -16.53
CA MET C 19 18.39 -12.00 -16.55
C MET C 19 16.99 -12.61 -16.49
N THR C 20 16.14 -12.07 -15.64
CA THR C 20 14.80 -12.60 -15.48
C THR C 20 13.98 -12.37 -16.75
N THR C 21 14.17 -11.20 -17.36
CA THR C 21 13.48 -10.86 -18.61
C THR C 21 13.86 -11.85 -19.71
N ILE C 22 15.13 -12.20 -19.80
CA ILE C 22 15.58 -13.17 -20.80
C ILE C 22 14.92 -14.54 -20.58
N LEU C 23 14.92 -15.01 -19.34
CA LEU C 23 14.37 -16.32 -19.05
C LEU C 23 12.85 -16.41 -19.30
N LEU C 24 12.08 -15.40 -18.87
CA LEU C 24 10.66 -15.40 -19.15
C LEU C 24 10.45 -15.45 -20.68
N ASN C 25 11.27 -14.71 -21.41
CA ASN C 25 10.94 -14.56 -22.82
C ASN C 25 11.51 -15.64 -23.72
N LEU C 26 12.38 -16.48 -23.17
CA LEU C 26 12.71 -17.76 -23.81
C LEU C 26 11.48 -18.65 -23.81
N HIS C 27 10.67 -18.53 -22.76
CA HIS C 27 9.37 -19.19 -22.77
C HIS C 27 8.38 -18.50 -23.74
N ASN C 28 8.25 -17.17 -23.65
CA ASN C 28 7.33 -16.47 -24.55
C ASN C 28 7.66 -16.68 -26.03
N ALA C 29 8.95 -16.80 -26.33
CA ALA C 29 9.39 -17.04 -27.69
C ALA C 29 8.99 -18.41 -28.15
N GLY C 30 8.82 -19.34 -27.20
CA GLY C 30 8.37 -20.68 -27.54
C GLY C 30 9.43 -21.77 -27.41
N PHE C 31 10.57 -21.45 -26.82
CA PHE C 31 11.60 -22.47 -26.59
C PHE C 31 11.23 -23.44 -25.46
N PHE C 32 10.60 -22.91 -24.42
CA PHE C 32 10.35 -23.71 -23.23
C PHE C 32 8.96 -23.48 -22.67
N ALA C 33 8.48 -24.42 -21.86
CA ALA C 33 7.25 -24.18 -21.10
C ALA C 33 7.53 -23.19 -19.96
N LEU C 34 6.48 -22.71 -19.28
CA LEU C 34 6.66 -21.71 -18.23
C LEU C 34 7.14 -22.39 -16.95
N ASP C 35 8.45 -22.56 -16.89
CA ASP C 35 9.17 -23.37 -15.92
C ASP C 35 9.31 -22.69 -14.54
N GLY C 36 9.59 -23.47 -13.50
CA GLY C 36 9.94 -22.92 -12.20
C GLY C 36 11.18 -22.04 -12.23
N ILE C 37 12.01 -22.22 -13.26
CA ILE C 37 13.19 -21.38 -13.47
C ILE C 37 12.84 -19.91 -13.48
N ILE C 38 11.80 -19.59 -14.25
CA ILE C 38 11.35 -18.23 -14.40
C ILE C 38 10.75 -17.71 -13.10
N LEU C 39 9.96 -18.56 -12.45
CA LEU C 39 9.23 -18.15 -11.25
C LEU C 39 10.22 -17.88 -10.12
N ALA C 40 11.25 -18.71 -10.03
CA ALA C 40 12.27 -18.55 -9.01
C ALA C 40 13.04 -17.25 -9.22
N MET C 41 13.49 -17.02 -10.45
CA MET C 41 14.16 -15.76 -10.78
C MET C 41 13.25 -14.55 -10.59
N GLY C 42 11.97 -14.68 -10.92
CA GLY C 42 11.02 -13.61 -10.70
C GLY C 42 10.88 -13.25 -9.21
N ILE C 43 10.88 -14.25 -8.35
CA ILE C 43 10.77 -13.98 -6.91
C ILE C 43 12.01 -13.29 -6.32
N PHE C 44 13.18 -13.86 -6.56
CA PHE C 44 14.38 -13.40 -5.84
C PHE C 44 15.26 -12.38 -6.54
N TYR C 45 15.33 -12.43 -7.87
CA TYR C 45 16.34 -11.61 -8.56
C TYR C 45 15.69 -10.47 -9.33
N GLY C 46 14.80 -10.81 -10.27
CA GLY C 46 13.98 -9.77 -10.89
C GLY C 46 13.08 -9.09 -9.87
N GLY C 47 12.67 -9.82 -8.85
CA GLY C 47 11.78 -9.26 -7.84
C GLY C 47 12.54 -8.65 -6.68
N ILE C 48 12.91 -9.48 -5.71
CA ILE C 48 13.47 -8.97 -4.46
C ILE C 48 14.79 -8.19 -4.66
N ALA C 49 15.76 -8.74 -5.38
CA ALA C 49 17.02 -8.01 -5.56
C ALA C 49 16.81 -6.66 -6.25
N GLN C 50 15.87 -6.61 -7.18
CA GLN C 50 15.61 -5.38 -7.91
C GLN C 50 14.94 -4.36 -7.00
N ILE C 51 14.07 -4.85 -6.12
CA ILE C 51 13.49 -3.97 -5.13
C ILE C 51 14.57 -3.37 -4.20
N PHE C 52 15.51 -4.18 -3.73
CA PHE C 52 16.66 -3.65 -2.98
C PHE C 52 17.37 -2.51 -3.75
N ALA C 53 17.64 -2.74 -5.03
CA ALA C 53 18.34 -1.78 -5.84
C ALA C 53 17.57 -0.47 -5.92
N GLY C 54 16.24 -0.56 -6.05
CA GLY C 54 15.41 0.62 -6.06
C GLY C 54 15.50 1.37 -4.73
N LEU C 55 15.40 0.63 -3.63
CA LEU C 55 15.42 1.28 -2.33
C LEU C 55 16.79 1.94 -2.10
N LEU C 56 17.83 1.33 -2.65
CA LEU C 56 19.19 1.87 -2.49
C LEU C 56 19.41 3.16 -3.31
N GLU C 57 18.50 3.43 -4.24
CA GLU C 57 18.56 4.67 -5.01
C GLU C 57 18.10 5.89 -4.20
N TYR C 58 17.38 5.64 -3.12
CA TYR C 58 16.81 6.71 -2.30
C TYR C 58 17.87 7.65 -1.75
N LYS C 59 18.86 7.10 -1.04
CA LYS C 59 19.93 7.92 -0.50
C LYS C 59 20.86 8.44 -1.60
N LYS C 60 20.76 7.90 -2.81
CA LYS C 60 21.55 8.44 -3.93
C LYS C 60 20.86 9.64 -4.56
N GLY C 61 19.66 9.95 -4.08
CA GLY C 61 18.91 11.05 -4.66
C GLY C 61 18.30 10.78 -6.02
N ASN C 62 18.25 9.52 -6.44
CA ASN C 62 17.83 9.17 -7.80
C ASN C 62 16.36 8.77 -7.84
N THR C 63 15.48 9.74 -8.07
CA THR C 63 14.05 9.48 -8.12
C THR C 63 13.67 8.51 -9.25
N PHE C 64 14.29 8.69 -10.41
CA PHE C 64 14.02 7.79 -11.53
C PHE C 64 14.34 6.34 -11.18
N GLY C 65 15.50 6.11 -10.59
CA GLY C 65 15.92 4.74 -10.28
C GLY C 65 15.04 4.14 -9.20
N LEU C 66 14.77 4.92 -8.16
CA LEU C 66 13.88 4.47 -7.09
C LEU C 66 12.53 4.04 -7.67
N THR C 67 11.96 4.88 -8.53
CA THR C 67 10.66 4.59 -9.13
C THR C 67 10.72 3.36 -10.04
N ALA C 68 11.74 3.32 -10.89
CA ALA C 68 11.86 2.23 -11.88
C ALA C 68 12.16 0.86 -11.24
N PHE C 69 13.26 0.75 -10.52
CA PHE C 69 13.64 -0.57 -10.00
C PHE C 69 12.60 -1.13 -9.01
N THR C 70 12.09 -0.29 -8.10
CA THR C 70 11.13 -0.79 -7.12
C THR C 70 9.83 -1.21 -7.81
N SER C 71 9.45 -0.49 -8.86
CA SER C 71 8.21 -0.80 -9.58
C SER C 71 8.38 -2.11 -10.35
N TYR C 72 9.47 -2.26 -11.10
CA TYR C 72 9.62 -3.46 -11.89
C TYR C 72 9.95 -4.67 -11.00
N GLY C 73 10.60 -4.44 -9.87
CA GLY C 73 10.75 -5.52 -8.90
C GLY C 73 9.37 -5.99 -8.44
N SER C 74 8.48 -5.05 -8.25
CA SER C 74 7.13 -5.36 -7.80
C SER C 74 6.37 -6.04 -8.94
N PHE C 75 6.58 -5.56 -10.17
CA PHE C 75 6.02 -6.24 -11.34
C PHE C 75 6.30 -7.75 -11.31
N TRP C 76 7.56 -8.12 -11.15
CA TRP C 76 7.95 -9.53 -11.17
C TRP C 76 7.25 -10.31 -10.06
N LEU C 77 7.16 -9.73 -8.87
CA LEU C 77 6.49 -10.42 -7.78
C LEU C 77 5.01 -10.58 -8.13
N THR C 78 4.41 -9.57 -8.77
CA THR C 78 2.97 -9.69 -9.10
C THR C 78 2.77 -10.80 -10.13
N LEU C 79 3.69 -10.90 -11.08
CA LEU C 79 3.57 -11.90 -12.14
C LEU C 79 3.69 -13.29 -11.53
N VAL C 80 4.66 -13.47 -10.63
CA VAL C 80 4.80 -14.77 -10.02
C VAL C 80 3.57 -15.10 -9.18
N ALA C 81 3.01 -14.14 -8.47
CA ALA C 81 1.81 -14.45 -7.68
C ALA C 81 0.62 -14.80 -8.56
N ILE C 82 0.48 -14.12 -9.68
CA ILE C 82 -0.57 -14.45 -10.64
C ILE C 82 -0.47 -15.91 -11.09
N LEU C 83 0.75 -16.36 -11.36
CA LEU C 83 1.00 -17.71 -11.86
C LEU C 83 0.91 -18.79 -10.78
N LEU C 84 1.20 -18.44 -9.53
CA LEU C 84 1.27 -19.45 -8.48
C LEU C 84 0.01 -19.55 -7.62
N MET C 85 -0.75 -18.46 -7.49
CA MET C 85 -1.96 -18.49 -6.67
C MET C 85 -2.98 -19.56 -7.13
N PRO C 86 -3.09 -19.82 -8.44
CA PRO C 86 -3.91 -20.98 -8.79
C PRO C 86 -3.34 -22.32 -8.34
N LYS C 87 -2.02 -22.47 -8.31
CA LYS C 87 -1.43 -23.70 -7.83
C LYS C 87 -1.69 -23.88 -6.34
N MET C 88 -1.97 -22.78 -5.65
CA MET C 88 -2.21 -22.80 -4.20
C MET C 88 -3.69 -22.93 -3.87
N GLY C 89 -4.52 -23.12 -4.89
CA GLY C 89 -5.97 -23.19 -4.70
C GLY C 89 -6.62 -21.87 -4.34
N LEU C 90 -5.92 -20.76 -4.59
CA LEU C 90 -6.41 -19.46 -4.15
C LEU C 90 -7.25 -18.74 -5.20
N THR C 91 -6.86 -18.90 -6.47
CA THR C 91 -7.56 -18.25 -7.57
C THR C 91 -7.63 -19.19 -8.75
N GLU C 92 -8.36 -18.79 -9.79
CA GLU C 92 -8.27 -19.45 -11.09
C GLU C 92 -7.12 -18.83 -11.92
N ALA C 93 -6.66 -19.55 -12.95
CA ALA C 93 -5.75 -18.94 -13.93
C ALA C 93 -6.39 -17.67 -14.48
N PRO C 94 -5.56 -16.64 -14.74
CA PRO C 94 -6.13 -15.35 -15.12
C PRO C 94 -6.80 -15.33 -16.49
N ASN C 95 -7.82 -14.49 -16.62
CA ASN C 95 -8.39 -14.10 -17.90
C ASN C 95 -7.34 -13.36 -18.73
N ALA C 96 -7.06 -13.82 -19.96
CA ALA C 96 -5.89 -13.34 -20.70
C ALA C 96 -6.07 -11.90 -21.18
N GLN C 97 -7.32 -11.48 -21.38
CA GLN C 97 -7.59 -10.09 -21.74
C GLN C 97 -7.32 -9.16 -20.57
N PHE C 98 -7.65 -9.65 -19.39
CA PHE C 98 -7.39 -8.90 -18.17
C PHE C 98 -5.86 -8.88 -17.97
N LEU C 99 -5.19 -9.99 -18.23
CA LEU C 99 -3.73 -10.02 -18.15
C LEU C 99 -3.14 -9.01 -19.12
N GLY C 100 -3.73 -8.92 -20.31
CA GLY C 100 -3.34 -7.94 -21.30
C GLY C 100 -3.48 -6.50 -20.84
N ALA C 101 -4.58 -6.19 -20.17
CA ALA C 101 -4.77 -4.84 -19.66
C ALA C 101 -3.68 -4.50 -18.62
N TYR C 102 -3.34 -5.50 -17.81
CA TYR C 102 -2.32 -5.34 -16.77
C TYR C 102 -0.97 -5.11 -17.42
N LEU C 103 -0.66 -5.89 -18.46
CA LEU C 103 0.61 -5.72 -19.17
C LEU C 103 0.61 -4.36 -19.88
N GLY C 104 -0.56 -3.96 -20.37
CA GLY C 104 -0.71 -2.66 -21.00
C GLY C 104 -0.42 -1.50 -20.06
N LEU C 105 -0.96 -1.56 -18.84
CA LEU C 105 -0.64 -0.56 -17.83
C LEU C 105 0.87 -0.49 -17.52
N TRP C 106 1.53 -1.65 -17.43
CA TRP C 106 2.97 -1.65 -17.25
C TRP C 106 3.68 -1.02 -18.46
N GLY C 107 3.11 -1.22 -19.65
CA GLY C 107 3.64 -0.61 -20.86
C GLY C 107 3.52 0.90 -20.86
N VAL C 108 2.38 1.41 -20.38
CA VAL C 108 2.17 2.85 -20.30
C VAL C 108 3.14 3.51 -19.31
N PHE C 109 3.27 2.90 -18.15
CA PHE C 109 4.31 3.31 -17.19
C PHE C 109 5.67 3.33 -17.87
N THR C 110 5.97 2.29 -18.63
CA THR C 110 7.32 2.19 -19.23
C THR C 110 7.51 3.27 -20.30
N LEU C 111 6.44 3.58 -21.02
CA LEU C 111 6.51 4.59 -22.07
C LEU C 111 6.79 5.97 -21.49
N PHE C 112 6.10 6.35 -20.42
CA PHE C 112 6.42 7.61 -19.76
C PHE C 112 7.85 7.63 -19.23
N MET C 113 8.28 6.52 -18.64
CA MET C 113 9.61 6.45 -18.07
C MET C 113 10.65 6.52 -19.19
N PHE C 114 10.30 5.99 -20.36
CA PHE C 114 11.22 6.08 -21.50
C PHE C 114 11.53 7.55 -21.80
N PHE C 115 10.51 8.40 -21.75
CA PHE C 115 10.75 9.81 -22.06
C PHE C 115 11.66 10.43 -21.03
N GLY C 116 11.67 9.85 -19.84
CA GLY C 116 12.54 10.28 -18.77
C GLY C 116 13.99 9.87 -18.95
N THR C 117 14.26 8.95 -19.87
CA THR C 117 15.65 8.55 -20.09
C THR C 117 16.32 9.38 -21.18
N LEU C 118 15.60 10.32 -21.76
CA LEU C 118 16.11 11.01 -22.95
C LEU C 118 17.30 11.93 -22.63
N LYS C 119 17.44 12.32 -21.37
CA LYS C 119 18.64 13.06 -20.97
C LYS C 119 19.63 12.14 -20.27
N ALA C 120 19.44 10.83 -20.43
CA ALA C 120 20.36 9.86 -19.84
C ALA C 120 21.06 9.07 -20.94
N ALA C 121 21.89 8.11 -20.56
CA ALA C 121 22.68 7.35 -21.53
C ALA C 121 21.83 6.61 -22.58
N ARG C 122 22.31 6.59 -23.83
CA ARG C 122 21.59 5.91 -24.90
C ARG C 122 21.28 4.44 -24.62
N ALA C 123 22.22 3.74 -23.98
CA ALA C 123 22.01 2.34 -23.62
C ALA C 123 20.75 2.20 -22.74
N LEU C 124 20.56 3.12 -21.80
CA LEU C 124 19.39 3.08 -20.93
C LEU C 124 18.12 3.41 -21.71
N GLN C 125 18.23 4.36 -22.63
CA GLN C 125 17.11 4.68 -23.52
C GLN C 125 16.65 3.43 -24.25
N PHE C 126 17.59 2.61 -24.69
CA PHE C 126 17.23 1.44 -25.46
C PHE C 126 16.59 0.38 -24.58
N VAL C 127 17.09 0.24 -23.35
CA VAL C 127 16.44 -0.65 -22.40
C VAL C 127 14.94 -0.27 -22.28
N PHE C 128 14.64 1.02 -22.10
CA PHE C 128 13.25 1.39 -21.87
C PHE C 128 12.42 1.38 -23.16
N LEU C 129 13.07 1.64 -24.29
CA LEU C 129 12.33 1.58 -25.55
C LEU C 129 11.94 0.14 -25.83
N SER C 130 12.90 -0.78 -25.71
CA SER C 130 12.61 -2.17 -26.04
C SER C 130 11.62 -2.73 -25.02
N LEU C 131 11.71 -2.26 -23.78
CA LEU C 131 10.78 -2.72 -22.73
C LEU C 131 9.36 -2.22 -23.01
N THR C 132 9.23 -0.99 -23.48
CA THR C 132 7.92 -0.49 -23.89
C THR C 132 7.32 -1.37 -24.99
N VAL C 133 8.13 -1.69 -25.98
CA VAL C 133 7.67 -2.52 -27.08
C VAL C 133 7.27 -3.91 -26.59
N LEU C 134 8.08 -4.46 -25.69
CA LEU C 134 7.83 -5.77 -25.09
C LEU C 134 6.46 -5.82 -24.43
N PHE C 135 6.18 -4.85 -23.56
CA PHE C 135 4.90 -4.82 -22.87
C PHE C 135 3.74 -4.62 -23.86
N ALA C 136 3.93 -3.75 -24.83
CA ALA C 136 2.88 -3.46 -25.80
C ALA C 136 2.54 -4.71 -26.59
N LEU C 137 3.56 -5.45 -27.01
CA LEU C 137 3.35 -6.70 -27.74
C LEU C 137 2.73 -7.76 -26.86
N LEU C 138 3.19 -7.88 -25.62
CA LEU C 138 2.55 -8.84 -24.71
C LEU C 138 1.11 -8.44 -24.41
N ALA C 139 0.84 -7.14 -24.30
CA ALA C 139 -0.53 -6.70 -24.04
C ALA C 139 -1.42 -7.03 -25.24
N PHE C 140 -0.96 -6.70 -26.43
CA PHE C 140 -1.74 -7.00 -27.64
C PHE C 140 -2.00 -8.49 -27.78
N GLY C 141 -0.94 -9.27 -27.68
CA GLY C 141 -1.02 -10.71 -27.87
C GLY C 141 -2.04 -11.35 -26.94
N ASN C 142 -2.12 -10.86 -25.72
CA ASN C 142 -3.06 -11.43 -24.75
C ASN C 142 -4.48 -10.92 -24.95
N ILE C 143 -4.63 -9.65 -25.31
CA ILE C 143 -5.97 -9.12 -25.51
C ILE C 143 -6.61 -9.69 -26.77
N ALA C 144 -5.81 -9.80 -27.84
CA ALA C 144 -6.28 -10.30 -29.13
C ALA C 144 -6.27 -11.81 -29.22
N GLY C 145 -5.61 -12.49 -28.30
CA GLY C 145 -5.51 -13.93 -28.37
C GLY C 145 -4.70 -14.36 -29.58
N ASN C 146 -3.57 -13.68 -29.77
CA ASN C 146 -2.69 -13.94 -30.90
C ASN C 146 -1.35 -14.47 -30.39
N GLU C 147 -1.14 -15.77 -30.47
CA GLU C 147 0.07 -16.38 -29.93
C GLU C 147 1.32 -16.01 -30.73
N ALA C 148 1.15 -15.62 -31.99
CA ALA C 148 2.29 -15.24 -32.82
C ALA C 148 2.90 -13.95 -32.30
N VAL C 149 2.04 -13.03 -31.87
CA VAL C 149 2.53 -11.78 -31.33
C VAL C 149 3.30 -12.02 -30.01
N ILE C 150 2.82 -12.96 -29.21
CA ILE C 150 3.50 -13.33 -27.96
C ILE C 150 4.89 -13.89 -28.28
N HIS C 151 4.97 -14.75 -29.28
CA HIS C 151 6.25 -15.32 -29.69
C HIS C 151 7.26 -14.22 -30.08
N VAL C 152 6.81 -13.21 -30.79
CA VAL C 152 7.68 -12.11 -31.21
C VAL C 152 8.06 -11.22 -30.04
N ALA C 153 7.11 -10.96 -29.15
CA ALA C 153 7.41 -10.27 -27.90
C ALA C 153 8.57 -11.00 -27.21
N GLY C 154 8.52 -12.32 -27.21
CA GLY C 154 9.55 -13.13 -26.58
C GLY C 154 10.93 -12.77 -27.11
N TRP C 155 11.06 -12.72 -28.44
CA TRP C 155 12.35 -12.38 -29.03
C TRP C 155 12.80 -10.98 -28.68
N ILE C 156 11.88 -10.03 -28.69
CA ILE C 156 12.16 -8.65 -28.28
C ILE C 156 12.65 -8.64 -26.82
N GLY C 157 12.01 -9.45 -25.98
CA GLY C 157 12.39 -9.56 -24.57
C GLY C 157 13.82 -10.06 -24.41
N LEU C 158 14.26 -10.96 -25.29
CA LEU C 158 15.65 -11.41 -25.21
C LEU C 158 16.60 -10.23 -25.46
N VAL C 159 16.29 -9.42 -26.44
CA VAL C 159 17.14 -8.27 -26.72
C VAL C 159 17.05 -7.22 -25.60
N CYS C 160 15.85 -6.97 -25.12
CA CYS C 160 15.67 -6.05 -24.00
C CYS C 160 16.50 -6.47 -22.79
N GLY C 161 16.38 -7.72 -22.41
CA GLY C 161 17.09 -8.22 -21.23
C GLY C 161 18.58 -8.20 -21.43
N ALA C 162 19.03 -8.59 -22.61
CA ALA C 162 20.46 -8.57 -22.91
C ALA C 162 21.00 -7.16 -22.83
N SER C 163 20.23 -6.18 -23.31
CA SER C 163 20.69 -4.78 -23.29
C SER C 163 20.81 -4.26 -21.85
N ALA C 164 19.95 -4.72 -20.95
CA ALA C 164 20.03 -4.34 -19.56
C ALA C 164 21.27 -4.93 -18.90
N ILE C 165 21.60 -6.16 -19.26
CA ILE C 165 22.81 -6.79 -18.74
C ILE C 165 24.02 -6.05 -19.30
N TYR C 166 23.98 -5.71 -20.58
CA TYR C 166 25.10 -4.96 -21.15
C TYR C 166 25.31 -3.64 -20.40
N LEU C 167 24.22 -2.90 -20.19
CA LEU C 167 24.33 -1.63 -19.47
C LEU C 167 24.89 -1.81 -18.06
N ALA C 168 24.35 -2.78 -17.33
CA ALA C 168 24.80 -3.06 -15.98
C ALA C 168 26.30 -3.29 -15.97
N MET C 169 26.79 -4.11 -16.88
CA MET C 169 28.22 -4.47 -16.86
C MET C 169 29.10 -3.31 -17.36
N GLY C 170 28.59 -2.55 -18.31
CA GLY C 170 29.23 -1.29 -18.69
C GLY C 170 29.36 -0.39 -17.47
N GLU C 171 28.32 -0.30 -16.64
CA GLU C 171 28.46 0.58 -15.47
C GLU C 171 29.47 0.03 -14.49
N VAL C 172 29.46 -1.28 -14.25
CA VAL C 172 30.42 -1.85 -13.31
C VAL C 172 31.85 -1.67 -13.85
N LEU C 173 32.08 -2.09 -15.08
CA LEU C 173 33.45 -2.12 -15.62
C LEU C 173 34.00 -0.71 -15.81
N ASN C 174 33.16 0.20 -16.29
CA ASN C 174 33.62 1.57 -16.51
C ASN C 174 33.99 2.21 -15.19
N GLU C 175 33.26 1.89 -14.11
CA GLU C 175 33.63 2.42 -12.79
C GLU C 175 34.90 1.76 -12.28
N GLN C 176 35.05 0.44 -12.52
CA GLN C 176 36.21 -0.30 -11.99
C GLN C 176 37.51 0.23 -12.58
N PHE C 177 37.48 0.58 -13.86
CA PHE C 177 38.68 1.01 -14.55
C PHE C 177 38.78 2.54 -14.67
N GLY C 178 37.72 3.24 -14.32
CA GLY C 178 37.74 4.69 -14.43
C GLY C 178 37.86 5.17 -15.87
N ARG C 179 37.37 4.36 -16.82
CA ARG C 179 37.33 4.79 -18.23
C ARG C 179 36.21 4.06 -18.95
N THR C 180 35.98 4.42 -20.20
CA THR C 180 34.95 3.71 -20.98
C THR C 180 35.51 2.39 -21.47
N ILE C 181 35.12 1.31 -20.80
CA ILE C 181 35.46 -0.05 -21.26
C ILE C 181 34.39 -0.53 -22.23
N LEU C 182 33.13 -0.43 -21.82
CA LEU C 182 31.99 -0.66 -22.69
C LEU C 182 31.24 0.63 -22.90
N PRO C 183 31.09 1.05 -24.16
CA PRO C 183 30.41 2.33 -24.38
C PRO C 183 28.91 2.19 -24.12
N ILE C 184 28.34 3.12 -23.38
CA ILE C 184 26.91 3.05 -23.10
C ILE C 184 26.19 4.31 -23.55
N GLY C 185 26.86 5.10 -24.38
CA GLY C 185 26.24 6.24 -25.02
C GLY C 185 25.97 7.35 -24.03
N GLU C 186 26.89 7.50 -23.08
CA GLU C 186 26.81 8.51 -22.03
C GLU C 186 26.78 9.93 -22.59
#